data_3HJJ
#
_entry.id   3HJJ
#
_cell.length_a   123.010
_cell.length_b   123.010
_cell.length_c   144.003
_cell.angle_alpha   90.00
_cell.angle_beta   90.00
_cell.angle_gamma   90.00
#
_symmetry.space_group_name_H-M   'P 41 21 2'
#
loop_
_entity.id
_entity.type
_entity.pdbx_description
1 polymer 'Maltose O-acetyltransferase'
2 non-polymer 'ACETIC ACID'
3 non-polymer GLYCEROL
4 non-polymer 'SULFATE ION'
5 water water
#
_entity_poly.entity_id   1
_entity_poly.type   'polypeptide(L)'
_entity_poly.pdbx_seq_one_letter_code
;SNA(MSE)KTEKDK(MSE)LAGE(MSE)YIADDEELVADRVEAKRLTRLYNEAVETGDERRFTLLNQLLGSSADGKAQIN
PDFRCDYGYNIHVGKSFFANFNCVILDVCEVRIGDHC(MSE)FAPGVHIYTATHPLHPVERNSGKEYGKPVKIGNNVWVG
GGAIINPGVSIGDNAVIASGAVVTKDVPNNVVVGGNPAKVIKTIEE
;
_entity_poly.pdbx_strand_id   A,B,C
#
# COMPACT_ATOMS: atom_id res chain seq x y z
N ASN A 2 -12.67 -17.36 32.49
CA ASN A 2 -13.64 -17.76 33.48
C ASN A 2 -13.76 -19.27 33.48
N ALA A 3 -13.11 -19.87 34.48
CA ALA A 3 -12.36 -19.07 35.44
C ALA A 3 -11.10 -18.50 34.81
N LYS A 5 -10.25 -17.59 31.72
CA LYS A 5 -10.37 -16.87 30.45
C LYS A 5 -9.43 -15.68 30.44
N THR A 6 -8.68 -15.54 29.34
CA THR A 6 -7.73 -14.45 29.18
C THR A 6 -8.22 -13.46 28.12
N GLU A 7 -7.48 -12.37 27.95
CA GLU A 7 -7.82 -11.39 26.91
C GLU A 7 -7.76 -12.04 25.53
N LYS A 8 -6.82 -12.97 25.36
CA LYS A 8 -6.69 -13.66 24.08
C LYS A 8 -7.97 -14.42 23.75
N ASP A 9 -8.54 -15.10 24.74
CA ASP A 9 -9.81 -15.79 24.56
C ASP A 9 -10.90 -14.83 24.12
N LYS A 10 -10.97 -13.67 24.75
CA LYS A 10 -12.00 -12.70 24.41
C LYS A 10 -11.80 -12.19 22.99
N LEU A 12 -10.36 -13.68 20.42
CA LEU A 12 -10.77 -14.69 19.46
C LEU A 12 -12.28 -14.84 19.34
N ALA A 13 -13.01 -14.52 20.40
CA ALA A 13 -14.46 -14.71 20.43
C ALA A 13 -15.18 -13.50 19.89
N GLY A 14 -14.41 -12.48 19.48
CA GLY A 14 -15.00 -11.28 18.94
C GLY A 14 -15.52 -10.34 20.02
N GLU A 15 -15.04 -10.52 21.24
CA GLU A 15 -15.45 -9.68 22.37
C GLU A 15 -14.44 -8.58 22.59
N TYR A 17 -11.52 -6.66 24.10
CA TYR A 17 -10.32 -7.22 24.71
C TYR A 17 -9.26 -6.13 24.87
N ILE A 18 -8.42 -6.27 25.87
CA ILE A 18 -7.35 -5.31 26.12
C ILE A 18 -6.17 -5.61 25.21
N ALA A 19 -5.94 -4.73 24.24
CA ALA A 19 -4.93 -4.99 23.21
C ALA A 19 -3.52 -5.11 23.80
N ASP A 20 -3.26 -4.39 24.88
CA ASP A 20 -1.91 -4.40 25.47
C ASP A 20 -1.72 -5.42 26.57
N ASP A 21 -2.66 -6.36 26.67
CA ASP A 21 -2.45 -7.55 27.49
C ASP A 21 -1.10 -8.11 27.09
N GLU A 22 -0.30 -8.55 28.06
CA GLU A 22 1.10 -8.90 27.79
C GLU A 22 1.27 -10.09 26.86
N GLU A 23 0.39 -11.07 26.96
CA GLU A 23 0.46 -12.22 26.09
C GLU A 23 0.24 -11.80 24.62
N LEU A 24 -0.74 -10.93 24.40
CA LEU A 24 -1.05 -10.45 23.05
C LEU A 24 0.08 -9.59 22.48
N VAL A 25 0.60 -8.66 23.27
CA VAL A 25 1.76 -7.86 22.88
C VAL A 25 2.92 -8.77 22.46
N ALA A 26 3.22 -9.76 23.30
CA ALA A 26 4.30 -10.71 23.02
C ALA A 26 4.05 -11.50 21.73
N ASP A 27 2.79 -11.85 21.46
CA ASP A 27 2.44 -12.58 20.25
C ASP A 27 2.67 -11.70 19.00
N ARG A 28 2.31 -10.42 19.10
CA ARG A 28 2.48 -9.51 17.97
C ARG A 28 3.96 -9.27 17.72
N VAL A 29 4.73 -9.13 18.80
CA VAL A 29 6.17 -8.93 18.68
C VAL A 29 6.82 -10.13 17.99
N GLU A 30 6.43 -11.33 18.42
CA GLU A 30 6.93 -12.53 17.76
C GLU A 30 6.52 -12.62 16.28
N ALA A 31 5.27 -12.29 15.96
CA ALA A 31 4.82 -12.32 14.57
C ALA A 31 5.67 -11.39 13.70
N LYS A 32 5.94 -10.17 14.18
CA LYS A 32 6.74 -9.22 13.41
C LYS A 32 8.16 -9.72 13.18
N ARG A 33 8.73 -10.34 14.20
CA ARG A 33 10.10 -10.82 14.13
C ARG A 33 10.22 -11.96 13.12
N LEU A 34 9.26 -12.88 13.15
CA LEU A 34 9.20 -13.99 12.22
C LEU A 34 8.80 -13.52 10.79
N THR A 35 7.89 -12.55 10.72
CA THR A 35 7.52 -11.98 9.41
C THR A 35 8.77 -11.40 8.73
N ARG A 36 9.61 -10.73 9.50
CA ARG A 36 10.81 -10.14 8.92
C ARG A 36 11.72 -11.22 8.29
N LEU A 37 11.93 -12.32 9.02
CA LEU A 37 12.70 -13.44 8.48
C LEU A 37 12.04 -14.03 7.24
N TYR A 38 10.71 -14.21 7.31
CA TYR A 38 9.97 -14.76 6.19
C TYR A 38 10.16 -13.89 4.93
N ASN A 39 9.92 -12.59 5.07
CA ASN A 39 10.08 -11.66 3.96
C ASN A 39 11.50 -11.68 3.37
N GLU A 40 12.53 -11.75 4.21
N GLU A 40 12.51 -11.75 4.23
CA GLU A 40 13.89 -11.86 3.67
CA GLU A 40 13.89 -11.89 3.76
C GLU A 40 14.03 -13.17 2.89
C GLU A 40 14.06 -13.16 2.93
N ALA A 41 13.52 -14.26 3.44
CA ALA A 41 13.61 -15.56 2.77
C ALA A 41 12.96 -15.53 1.38
N VAL A 42 11.77 -14.97 1.26
CA VAL A 42 11.12 -14.97 -0.04
C VAL A 42 11.80 -13.95 -0.98
N GLU A 43 12.25 -12.82 -0.45
CA GLU A 43 13.01 -11.88 -1.28
C GLU A 43 14.28 -12.47 -1.85
N THR A 44 14.99 -13.27 -1.06
CA THR A 44 16.26 -13.83 -1.52
C THR A 44 16.07 -15.16 -2.24
N GLY A 45 14.82 -15.63 -2.31
CA GLY A 45 14.54 -16.86 -3.02
C GLY A 45 15.03 -18.12 -2.33
N ASP A 46 15.04 -18.13 -1.01
CA ASP A 46 15.49 -19.31 -0.26
C ASP A 46 14.36 -20.33 -0.06
N GLU A 47 14.67 -21.60 -0.25
CA GLU A 47 13.67 -22.66 -0.08
C GLU A 47 13.04 -22.68 1.32
N ARG A 48 13.78 -22.25 2.33
CA ARG A 48 13.27 -22.28 3.70
C ARG A 48 12.15 -21.28 3.94
N ARG A 49 11.82 -20.48 2.94
CA ARG A 49 10.69 -19.58 3.08
C ARG A 49 9.44 -20.36 3.49
N PHE A 50 9.28 -21.58 2.97
CA PHE A 50 8.07 -22.35 3.30
C PHE A 50 8.10 -22.79 4.76
N THR A 51 9.26 -23.24 5.22
CA THR A 51 9.44 -23.59 6.62
C THR A 51 9.02 -22.46 7.55
N LEU A 52 9.51 -21.26 7.26
CA LEU A 52 9.21 -20.10 8.09
C LEU A 52 7.73 -19.72 8.00
N LEU A 53 7.19 -19.75 6.79
CA LEU A 53 5.79 -19.39 6.59
C LEU A 53 4.87 -20.37 7.34
N ASN A 54 5.25 -21.63 7.37
CA ASN A 54 4.44 -22.65 8.06
C ASN A 54 4.52 -22.52 9.58
N GLN A 55 5.49 -21.75 10.09
CA GLN A 55 5.52 -21.42 11.51
C GLN A 55 4.72 -20.16 11.77
N LEU A 56 4.49 -19.35 10.74
CA LEU A 56 3.81 -18.05 10.92
C LEU A 56 2.29 -18.17 10.82
N LEU A 57 1.82 -18.76 9.73
CA LEU A 57 0.39 -18.96 9.51
C LEU A 57 -0.19 -20.01 10.48
N GLY A 58 -1.47 -19.86 10.82
CA GLY A 58 -2.14 -20.88 11.62
C GLY A 58 -2.14 -22.22 10.90
N SER A 59 -2.43 -22.20 9.60
CA SER A 59 -2.33 -23.42 8.80
C SER A 59 -2.44 -23.15 7.31
N SER A 60 -1.91 -24.07 6.53
CA SER A 60 -2.16 -24.07 5.09
C SER A 60 -2.37 -25.54 4.70
N ALA A 61 -3.23 -25.78 3.72
CA ALA A 61 -3.60 -27.15 3.40
C ALA A 61 -2.43 -27.93 2.83
N ASP A 62 -1.53 -27.26 2.11
CA ASP A 62 -0.46 -27.96 1.41
C ASP A 62 0.93 -27.53 1.84
N GLY A 63 1.02 -26.61 2.80
CA GLY A 63 2.31 -26.19 3.32
C GLY A 63 3.18 -25.45 2.30
N LYS A 64 2.55 -24.99 1.22
CA LYS A 64 3.27 -24.39 0.11
C LYS A 64 2.61 -23.08 -0.35
N ALA A 65 2.01 -22.35 0.58
CA ALA A 65 1.41 -21.06 0.24
C ALA A 65 2.49 -20.17 -0.36
N GLN A 66 2.11 -19.43 -1.40
CA GLN A 66 3.04 -18.61 -2.14
C GLN A 66 2.76 -17.15 -1.82
N ILE A 67 3.56 -16.57 -0.94
CA ILE A 67 3.29 -15.21 -0.48
C ILE A 67 4.47 -14.28 -0.73
N ASN A 68 4.23 -13.25 -1.56
CA ASN A 68 5.27 -12.30 -1.94
C ASN A 68 5.57 -11.28 -0.83
N PRO A 69 6.77 -10.68 -0.87
CA PRO A 69 7.14 -9.67 0.13
C PRO A 69 6.46 -8.32 -0.14
N ASP A 70 6.41 -7.42 0.84
CA ASP A 70 6.59 -7.75 2.25
C ASP A 70 5.21 -8.05 2.82
N PHE A 71 4.99 -9.28 3.25
CA PHE A 71 3.74 -9.65 3.86
C PHE A 71 3.73 -9.08 5.28
N ARG A 72 2.57 -8.63 5.77
CA ARG A 72 2.42 -8.20 7.17
C ARG A 72 1.21 -8.87 7.79
N CYS A 73 1.33 -9.30 9.05
CA CYS A 73 0.18 -9.76 9.80
C CYS A 73 0.30 -9.42 11.29
N ASP A 74 -0.83 -9.43 11.99
CA ASP A 74 -0.87 -9.18 13.42
C ASP A 74 -0.34 -10.34 14.26
N TYR A 75 -0.89 -11.52 14.02
CA TYR A 75 -0.59 -12.68 14.86
C TYR A 75 -0.04 -13.83 14.04
N GLY A 76 -0.50 -13.94 12.80
CA GLY A 76 -0.14 -15.04 11.93
C GLY A 76 -1.01 -16.27 12.18
N TYR A 77 -1.12 -16.63 13.45
CA TYR A 77 -1.75 -17.90 13.81
C TYR A 77 -3.27 -17.93 13.63
N ASN A 78 -3.90 -16.79 13.40
CA ASN A 78 -5.33 -16.77 13.07
C ASN A 78 -5.63 -16.85 11.58
N ILE A 79 -4.60 -17.06 10.77
CA ILE A 79 -4.77 -17.15 9.31
C ILE A 79 -4.69 -18.60 8.88
N HIS A 80 -5.71 -19.05 8.14
CA HIS A 80 -5.76 -20.44 7.68
C HIS A 80 -6.11 -20.46 6.20
N VAL A 81 -5.24 -21.02 5.38
CA VAL A 81 -5.47 -20.98 3.94
C VAL A 81 -5.56 -22.38 3.38
N GLY A 82 -6.30 -22.52 2.28
CA GLY A 82 -6.44 -23.81 1.60
C GLY A 82 -5.25 -24.11 0.71
N LYS A 83 -5.47 -24.99 -0.26
CA LYS A 83 -4.43 -25.40 -1.20
C LYS A 83 -4.12 -24.28 -2.16
N SER A 84 -2.87 -24.25 -2.66
CA SER A 84 -2.45 -23.31 -3.70
C SER A 84 -2.77 -21.85 -3.39
N PHE A 85 -2.56 -21.41 -2.16
CA PHE A 85 -2.78 -20.00 -1.87
C PHE A 85 -1.70 -19.14 -2.51
N PHE A 86 -2.09 -18.01 -3.07
CA PHE A 86 -1.15 -17.05 -3.64
C PHE A 86 -1.50 -15.62 -3.22
N ALA A 87 -0.49 -14.89 -2.73
CA ALA A 87 -0.66 -13.47 -2.44
C ALA A 87 0.51 -12.72 -3.06
N ASN A 88 0.20 -11.67 -3.81
CA ASN A 88 1.22 -10.89 -4.47
C ASN A 88 1.81 -9.83 -3.50
N PHE A 89 2.61 -8.90 -4.01
CA PHE A 89 3.36 -7.99 -3.14
C PHE A 89 2.53 -7.26 -2.10
N ASN A 90 3.09 -7.10 -0.89
CA ASN A 90 2.61 -6.15 0.09
C ASN A 90 1.16 -6.38 0.55
N CYS A 91 0.78 -7.62 0.78
N CYS A 91 0.82 -7.64 0.81
CA CYS A 91 -0.54 -7.87 1.36
CA CYS A 91 -0.47 -7.98 1.41
C CYS A 91 -0.47 -7.80 2.89
C CYS A 91 -0.43 -7.74 2.92
N VAL A 92 -1.55 -7.32 3.48
CA VAL A 92 -1.64 -7.13 4.93
C VAL A 92 -2.88 -7.85 5.42
N ILE A 93 -2.72 -8.72 6.40
CA ILE A 93 -3.85 -9.39 7.05
C ILE A 93 -3.81 -9.10 8.55
N LEU A 94 -4.79 -8.32 9.03
CA LEU A 94 -4.96 -8.08 10.46
C LEU A 94 -5.84 -9.19 11.00
N ASP A 95 -5.21 -10.21 11.54
CA ASP A 95 -5.94 -11.40 11.99
C ASP A 95 -6.12 -11.45 13.52
N VAL A 96 -6.71 -10.41 14.12
CA VAL A 96 -7.08 -10.49 15.53
C VAL A 96 -8.15 -11.59 15.74
N CYS A 97 -9.05 -11.72 14.76
CA CYS A 97 -9.95 -12.89 14.69
C CYS A 97 -9.57 -13.79 13.52
N GLU A 98 -10.23 -14.95 13.43
CA GLU A 98 -9.95 -15.92 12.40
C GLU A 98 -10.09 -15.36 11.00
N VAL A 99 -9.10 -15.62 10.16
CA VAL A 99 -9.18 -15.33 8.73
C VAL A 99 -9.10 -16.67 8.00
N ARG A 100 -10.22 -17.12 7.45
CA ARG A 100 -10.28 -18.45 6.83
C ARG A 100 -10.42 -18.29 5.33
N ILE A 101 -9.47 -18.85 4.60
CA ILE A 101 -9.41 -18.71 3.15
C ILE A 101 -9.39 -20.10 2.52
N GLY A 102 -10.17 -20.30 1.46
CA GLY A 102 -10.34 -21.61 0.86
C GLY A 102 -9.22 -21.97 -0.11
N ASP A 103 -9.50 -22.91 -1.02
CA ASP A 103 -8.51 -23.41 -1.96
C ASP A 103 -8.43 -22.52 -3.20
N HIS A 104 -7.25 -22.51 -3.81
CA HIS A 104 -7.02 -21.75 -5.04
C HIS A 104 -7.43 -20.29 -4.96
N CYS A 105 -7.16 -19.65 -3.84
CA CYS A 105 -7.40 -18.22 -3.76
C CYS A 105 -6.14 -17.46 -4.15
N PHE A 107 -4.54 -13.38 -4.14
CA PHE A 107 -4.60 -11.95 -3.83
C PHE A 107 -3.61 -11.22 -4.73
N ALA A 108 -4.07 -10.18 -5.42
CA ALA A 108 -3.18 -9.30 -6.17
C ALA A 108 -2.39 -8.40 -5.20
N PRO A 109 -1.54 -7.50 -5.71
CA PRO A 109 -0.71 -6.71 -4.76
C PRO A 109 -1.53 -5.78 -3.87
N GLY A 110 -1.10 -5.57 -2.64
CA GLY A 110 -1.70 -4.55 -1.80
C GLY A 110 -3.10 -4.88 -1.28
N VAL A 111 -3.49 -6.16 -1.33
CA VAL A 111 -4.77 -6.56 -0.71
C VAL A 111 -4.66 -6.49 0.82
N HIS A 112 -5.64 -5.83 1.43
CA HIS A 112 -5.72 -5.75 2.88
C HIS A 112 -6.96 -6.49 3.36
N ILE A 113 -6.79 -7.36 4.34
CA ILE A 113 -7.89 -8.01 5.02
C ILE A 113 -7.85 -7.61 6.48
N TYR A 114 -8.92 -6.96 6.96
CA TYR A 114 -9.01 -6.50 8.34
C TYR A 114 -10.06 -7.30 9.10
N THR A 115 -9.68 -7.86 10.25
CA THR A 115 -10.68 -8.35 11.20
C THR A 115 -10.77 -7.42 12.40
N ALA A 116 -9.74 -6.59 12.60
CA ALA A 116 -9.68 -5.67 13.71
C ALA A 116 -10.57 -4.44 13.50
N THR A 117 -11.29 -4.03 14.54
CA THR A 117 -12.08 -2.81 14.47
C THR A 117 -12.17 -2.12 15.84
N HIS A 118 -12.91 -1.02 15.91
CA HIS A 118 -12.96 -0.20 17.11
C HIS A 118 -14.35 0.40 17.30
N PRO A 119 -14.71 0.74 18.55
CA PRO A 119 -15.95 1.48 18.82
C PRO A 119 -15.97 2.82 18.09
N LEU A 120 -17.17 3.25 17.72
CA LEU A 120 -17.34 4.48 16.96
C LEU A 120 -17.21 5.72 17.86
N HIS A 121 -17.54 5.55 19.13
CA HIS A 121 -17.48 6.66 20.09
C HIS A 121 -16.13 6.75 20.78
N PRO A 122 -15.62 7.97 20.96
CA PRO A 122 -14.23 8.21 21.35
C PRO A 122 -13.84 7.59 22.69
N VAL A 123 -14.69 7.73 23.70
CA VAL A 123 -14.31 7.28 25.05
C VAL A 123 -14.06 5.77 25.05
N GLU A 124 -14.98 5.02 24.49
CA GLU A 124 -14.82 3.58 24.38
C GLU A 124 -13.63 3.19 23.47
N ARG A 125 -13.47 3.90 22.34
CA ARG A 125 -12.38 3.60 21.43
C ARG A 125 -11.01 3.85 22.08
N ASN A 126 -10.95 4.84 22.98
CA ASN A 126 -9.71 5.21 23.66
C ASN A 126 -9.45 4.45 24.95
N SER A 127 -10.31 3.50 25.26
CA SER A 127 -10.29 2.82 26.56
C SER A 127 -9.23 1.73 26.68
N GLY A 128 -8.50 1.43 25.61
CA GLY A 128 -7.50 0.38 25.66
C GLY A 128 -8.09 -0.98 25.27
N LYS A 129 -9.39 -0.99 24.98
CA LYS A 129 -10.05 -2.17 24.45
C LYS A 129 -10.51 -2.00 23.01
N GLU A 130 -10.42 -3.07 22.24
CA GLU A 130 -10.96 -3.09 20.90
C GLU A 130 -11.55 -4.47 20.67
N TYR A 131 -11.96 -4.77 19.44
CA TYR A 131 -12.49 -6.08 19.14
C TYR A 131 -12.32 -6.42 17.67
N GLY A 132 -12.75 -7.62 17.29
CA GLY A 132 -12.67 -8.05 15.91
C GLY A 132 -13.90 -8.82 15.46
N LYS A 133 -14.00 -9.01 14.15
CA LYS A 133 -15.00 -9.88 13.52
C LYS A 133 -14.30 -10.70 12.44
N PRO A 134 -14.50 -12.02 12.45
CA PRO A 134 -13.73 -12.89 11.55
C PRO A 134 -14.08 -12.66 10.08
N VAL A 135 -13.18 -13.10 9.20
CA VAL A 135 -13.39 -13.00 7.77
C VAL A 135 -13.32 -14.41 7.17
N LYS A 136 -14.23 -14.70 6.25
CA LYS A 136 -14.22 -15.99 5.58
C LYS A 136 -14.21 -15.78 4.08
N ILE A 137 -13.31 -16.46 3.39
CA ILE A 137 -13.22 -16.33 1.95
C ILE A 137 -13.31 -17.73 1.36
N GLY A 138 -14.20 -17.93 0.39
CA GLY A 138 -14.46 -19.25 -0.15
C GLY A 138 -13.36 -19.77 -1.07
N ASN A 139 -13.67 -20.78 -1.87
CA ASN A 139 -12.74 -21.33 -2.85
C ASN A 139 -12.72 -20.53 -4.15
N ASN A 140 -11.57 -20.54 -4.82
CA ASN A 140 -11.45 -19.95 -6.15
C ASN A 140 -11.75 -18.45 -6.18
N VAL A 141 -11.39 -17.76 -5.10
CA VAL A 141 -11.59 -16.32 -5.04
C VAL A 141 -10.36 -15.59 -5.52
N TRP A 142 -10.59 -14.63 -6.42
CA TRP A 142 -9.53 -13.77 -6.91
C TRP A 142 -9.81 -12.37 -6.36
N VAL A 143 -8.92 -11.87 -5.51
CA VAL A 143 -9.08 -10.52 -4.94
C VAL A 143 -8.11 -9.60 -5.66
N GLY A 144 -8.66 -8.57 -6.30
CA GLY A 144 -7.89 -7.68 -7.17
C GLY A 144 -7.00 -6.70 -6.41
N GLY A 145 -6.08 -6.06 -7.13
CA GLY A 145 -5.08 -5.21 -6.51
C GLY A 145 -5.63 -4.11 -5.63
N GLY A 146 -5.09 -3.98 -4.44
CA GLY A 146 -5.43 -2.88 -3.55
C GLY A 146 -6.80 -2.99 -2.93
N ALA A 147 -7.47 -4.12 -3.11
CA ALA A 147 -8.81 -4.28 -2.56
C ALA A 147 -8.76 -4.31 -1.03
N ILE A 148 -9.83 -3.84 -0.40
CA ILE A 148 -9.99 -3.93 1.03
C ILE A 148 -11.15 -4.86 1.41
N ILE A 149 -10.87 -5.82 2.27
CA ILE A 149 -11.91 -6.65 2.86
C ILE A 149 -12.08 -6.33 4.34
N ASN A 150 -13.23 -5.75 4.69
CA ASN A 150 -13.49 -5.28 6.06
C ASN A 150 -13.91 -6.40 7.02
N PRO A 151 -13.93 -6.10 8.33
CA PRO A 151 -14.19 -7.15 9.32
C PRO A 151 -15.61 -7.74 9.20
N GLY A 152 -15.74 -9.03 9.44
CA GLY A 152 -17.04 -9.68 9.46
C GLY A 152 -17.54 -10.09 8.09
N VAL A 153 -16.74 -9.87 7.06
CA VAL A 153 -17.19 -10.14 5.69
C VAL A 153 -16.94 -11.58 5.32
N SER A 154 -17.90 -12.19 4.62
CA SER A 154 -17.72 -13.48 3.99
C SER A 154 -17.73 -13.26 2.49
N ILE A 155 -16.88 -13.98 1.77
CA ILE A 155 -16.88 -13.94 0.33
C ILE A 155 -17.12 -15.35 -0.22
N GLY A 156 -18.13 -15.50 -1.07
CA GLY A 156 -18.51 -16.81 -1.59
C GLY A 156 -17.53 -17.40 -2.60
N ASP A 157 -17.67 -18.71 -2.85
CA ASP A 157 -16.87 -19.40 -3.88
C ASP A 157 -16.94 -18.71 -5.24
N ASN A 158 -15.81 -18.73 -5.93
CA ASN A 158 -15.73 -18.25 -7.31
C ASN A 158 -15.95 -16.76 -7.48
N ALA A 159 -16.03 -16.03 -6.37
CA ALA A 159 -16.24 -14.58 -6.49
C ALA A 159 -14.96 -13.92 -6.98
N VAL A 160 -15.09 -12.87 -7.78
CA VAL A 160 -13.92 -12.05 -8.06
C VAL A 160 -14.14 -10.60 -7.65
N ILE A 161 -13.12 -10.05 -7.00
CA ILE A 161 -13.15 -8.69 -6.49
C ILE A 161 -12.28 -7.83 -7.39
N ALA A 162 -12.85 -6.77 -7.94
CA ALA A 162 -12.13 -5.91 -8.85
C ALA A 162 -11.03 -5.17 -8.09
N SER A 163 -9.99 -4.77 -8.78
CA SER A 163 -8.93 -3.96 -8.17
C SER A 163 -9.57 -2.71 -7.58
N GLY A 164 -9.08 -2.28 -6.41
CA GLY A 164 -9.57 -1.07 -5.78
C GLY A 164 -10.91 -1.21 -5.07
N ALA A 165 -11.50 -2.40 -5.07
CA ALA A 165 -12.83 -2.56 -4.47
C ALA A 165 -12.71 -2.43 -2.95
N VAL A 166 -13.74 -1.88 -2.32
CA VAL A 166 -13.79 -1.80 -0.86
C VAL A 166 -15.01 -2.57 -0.39
N VAL A 167 -14.77 -3.75 0.20
CA VAL A 167 -15.85 -4.69 0.49
C VAL A 167 -16.33 -4.54 1.92
N THR A 168 -17.57 -4.06 2.05
CA THR A 168 -18.12 -3.75 3.35
C THR A 168 -19.17 -4.78 3.79
N LYS A 169 -19.70 -5.54 2.83
CA LYS A 169 -20.77 -6.52 3.10
C LYS A 169 -20.44 -7.87 2.46
N ASP A 170 -21.13 -8.92 2.90
CA ASP A 170 -20.92 -10.26 2.35
C ASP A 170 -21.05 -10.23 0.83
N VAL A 171 -20.16 -10.95 0.17
CA VAL A 171 -20.20 -11.14 -1.27
C VAL A 171 -20.67 -12.56 -1.55
N PRO A 172 -21.75 -12.71 -2.33
CA PRO A 172 -22.27 -14.04 -2.64
C PRO A 172 -21.33 -14.80 -3.58
N ASN A 173 -21.53 -16.09 -3.74
N ASN A 173 -21.56 -16.10 -3.74
CA ASN A 173 -20.76 -16.87 -4.69
CA ASN A 173 -20.83 -16.89 -4.72
C ASN A 173 -21.01 -16.43 -6.14
C ASN A 173 -21.00 -16.37 -6.14
N ASN A 174 -20.01 -16.62 -6.98
CA ASN A 174 -20.14 -16.44 -8.43
C ASN A 174 -20.54 -15.05 -8.94
N VAL A 175 -20.02 -14.01 -8.29
CA VAL A 175 -20.20 -12.66 -8.79
C VAL A 175 -18.86 -11.95 -8.89
N VAL A 176 -18.79 -10.99 -9.80
CA VAL A 176 -17.71 -10.02 -9.86
C VAL A 176 -18.23 -8.77 -9.15
N VAL A 177 -17.52 -8.28 -8.15
CA VAL A 177 -17.91 -7.02 -7.49
C VAL A 177 -16.80 -5.99 -7.63
N GLY A 178 -17.17 -4.71 -7.57
CA GLY A 178 -16.22 -3.63 -7.74
C GLY A 178 -16.79 -2.35 -7.16
N GLY A 179 -15.93 -1.36 -6.96
CA GLY A 179 -16.32 -0.04 -6.47
C GLY A 179 -16.17 0.13 -4.96
N ASN A 180 -16.46 1.33 -4.48
CA ASN A 180 -16.47 1.64 -3.05
C ASN A 180 -17.78 2.35 -2.73
N PRO A 181 -18.73 1.65 -2.09
CA PRO A 181 -18.64 0.25 -1.60
C PRO A 181 -18.76 -0.74 -2.76
N ALA A 182 -18.30 -1.97 -2.54
CA ALA A 182 -18.34 -2.97 -3.59
C ALA A 182 -19.78 -3.33 -3.95
N LYS A 183 -20.07 -3.33 -5.24
CA LYS A 183 -21.38 -3.75 -5.76
C LYS A 183 -21.19 -4.77 -6.88
N VAL A 184 -22.23 -5.58 -7.13
CA VAL A 184 -22.15 -6.61 -8.16
C VAL A 184 -22.01 -6.01 -9.55
N ILE A 185 -21.04 -6.49 -10.31
CA ILE A 185 -20.82 -6.03 -11.67
C ILE A 185 -21.51 -6.98 -12.64
N LYS A 186 -21.33 -8.27 -12.38
CA LYS A 186 -21.97 -9.32 -13.18
C LYS A 186 -21.79 -10.65 -12.49
N THR A 187 -22.41 -11.70 -13.05
CA THR A 187 -22.28 -13.03 -12.49
C THR A 187 -21.33 -13.84 -13.35
N ILE A 188 -20.84 -14.93 -12.77
CA ILE A 188 -19.89 -15.82 -13.43
C ILE A 188 -20.40 -17.24 -13.23
N GLU A 189 -20.52 -18.00 -14.30
CA GLU A 189 -20.92 -19.40 -14.13
C GLU A 189 -19.99 -20.36 -14.86
N GLU A 190 -19.82 -21.54 -14.29
CA GLU A 190 -19.01 -22.58 -14.92
C GLU A 190 -19.30 -23.94 -14.30
N LYS B 5 7.22 -21.34 -29.82
CA LYS B 5 7.03 -20.20 -28.93
C LYS B 5 7.35 -20.59 -27.49
N THR B 6 8.17 -19.79 -26.82
CA THR B 6 8.40 -20.00 -25.39
C THR B 6 7.23 -19.44 -24.59
N GLU B 7 7.11 -19.85 -23.33
CA GLU B 7 6.10 -19.27 -22.45
C GLU B 7 6.32 -17.77 -22.32
N LYS B 8 7.59 -17.37 -22.29
CA LYS B 8 7.91 -15.95 -22.24
C LYS B 8 7.47 -15.21 -23.49
N ASP B 9 7.57 -15.86 -24.65
CA ASP B 9 7.08 -15.26 -25.89
C ASP B 9 5.58 -15.02 -25.80
N LYS B 10 4.88 -16.04 -25.29
CA LYS B 10 3.43 -15.95 -25.12
C LYS B 10 3.05 -14.81 -24.17
N LEU B 12 4.68 -12.02 -23.30
CA LEU B 12 4.91 -10.70 -23.85
C LEU B 12 3.87 -10.40 -24.93
N ALA B 13 3.38 -11.44 -25.59
CA ALA B 13 2.42 -11.26 -26.67
C ALA B 13 1.00 -11.04 -26.15
N GLY B 14 0.81 -11.18 -24.84
CA GLY B 14 -0.52 -11.00 -24.26
C GLY B 14 -1.35 -12.27 -24.33
N GLU B 15 -0.69 -13.39 -24.59
CA GLU B 15 -1.37 -14.68 -24.64
C GLU B 15 -1.26 -15.44 -23.33
N TYR B 17 -0.02 -17.89 -20.74
CA TYR B 17 1.31 -18.44 -20.55
C TYR B 17 1.39 -19.14 -19.21
N ILE B 18 2.30 -20.09 -19.09
CA ILE B 18 2.48 -20.84 -17.87
C ILE B 18 3.36 -20.02 -16.94
N ALA B 19 2.77 -19.53 -15.85
CA ALA B 19 3.49 -18.63 -14.95
C ALA B 19 4.68 -19.30 -14.31
N ASP B 20 4.59 -20.61 -14.11
N ASP B 20 4.57 -20.63 -14.15
CA ASP B 20 5.67 -21.32 -13.45
CA ASP B 20 5.59 -21.43 -13.46
C ASP B 20 6.64 -21.98 -14.44
C ASP B 20 6.69 -21.92 -14.41
N ASP B 21 6.65 -21.45 -15.65
CA ASP B 21 7.66 -21.79 -16.63
C ASP B 21 9.05 -21.54 -16.03
N GLU B 22 9.96 -22.49 -16.20
N GLU B 22 9.95 -22.51 -16.20
CA GLU B 22 11.29 -22.38 -15.57
CA GLU B 22 11.31 -22.43 -15.64
C GLU B 22 12.06 -21.09 -15.86
C GLU B 22 11.99 -21.07 -15.85
N GLU B 23 11.96 -20.59 -17.09
CA GLU B 23 12.64 -19.33 -17.42
C GLU B 23 12.01 -18.13 -16.72
N LEU B 24 10.68 -18.07 -16.72
CA LEU B 24 9.99 -16.95 -16.10
C LEU B 24 10.20 -16.94 -14.57
N VAL B 25 10.16 -18.11 -13.96
CA VAL B 25 10.40 -18.22 -12.52
C VAL B 25 11.79 -17.70 -12.17
N ALA B 26 12.78 -18.11 -12.94
CA ALA B 26 14.14 -17.63 -12.70
C ALA B 26 14.22 -16.13 -12.85
N ASP B 27 13.52 -15.57 -13.84
CA ASP B 27 13.51 -14.12 -14.03
C ASP B 27 12.87 -13.42 -12.83
N ARG B 28 11.79 -14.00 -12.32
CA ARG B 28 11.09 -13.38 -11.19
C ARG B 28 11.94 -13.45 -9.92
N VAL B 29 12.58 -14.58 -9.64
CA VAL B 29 13.39 -14.66 -8.44
C VAL B 29 14.59 -13.73 -8.55
N GLU B 30 15.13 -13.58 -9.76
CA GLU B 30 16.26 -12.68 -9.95
C GLU B 30 15.82 -11.22 -9.77
N ALA B 31 14.65 -10.87 -10.32
CA ALA B 31 14.12 -9.53 -10.14
C ALA B 31 13.98 -9.19 -8.64
N LYS B 32 13.48 -10.13 -7.85
CA LYS B 32 13.30 -9.89 -6.41
C LYS B 32 14.63 -9.68 -5.68
N ARG B 33 15.63 -10.50 -6.03
CA ARG B 33 16.96 -10.34 -5.42
C ARG B 33 17.57 -8.99 -5.72
N LEU B 34 17.53 -8.61 -7.00
CA LEU B 34 18.06 -7.32 -7.42
C LEU B 34 17.27 -6.15 -6.81
N THR B 35 15.95 -6.31 -6.78
CA THR B 35 15.07 -5.30 -6.19
C THR B 35 15.43 -5.03 -4.73
N ARG B 36 15.70 -6.09 -3.96
N ARG B 36 15.71 -6.09 -3.99
CA ARG B 36 16.09 -5.93 -2.57
CA ARG B 36 16.09 -5.97 -2.59
C ARG B 36 17.36 -5.08 -2.46
C ARG B 36 17.35 -5.11 -2.46
N LEU B 37 18.33 -5.39 -3.31
CA LEU B 37 19.59 -4.65 -3.31
C LEU B 37 19.34 -3.19 -3.66
N TYR B 38 18.48 -2.97 -4.65
CA TYR B 38 18.16 -1.60 -5.04
C TYR B 38 17.51 -0.81 -3.91
N ASN B 39 16.49 -1.41 -3.27
CA ASN B 39 15.80 -0.73 -2.18
C ASN B 39 16.76 -0.39 -1.03
N GLU B 40 17.65 -1.32 -0.72
N GLU B 40 17.66 -1.30 -0.70
CA GLU B 40 18.69 -1.07 0.27
CA GLU B 40 18.64 -0.98 0.34
C GLU B 40 19.53 0.13 -0.14
C GLU B 40 19.57 0.15 -0.13
N ALA B 41 20.00 0.12 -1.38
CA ALA B 41 20.85 1.20 -1.90
C ALA B 41 20.17 2.55 -1.77
N VAL B 42 18.89 2.64 -2.19
CA VAL B 42 18.19 3.91 -2.10
C VAL B 42 17.87 4.31 -0.66
N GLU B 43 17.48 3.37 0.18
CA GLU B 43 17.27 3.71 1.59
C GLU B 43 18.52 4.26 2.27
N THR B 44 19.68 3.67 1.95
CA THR B 44 20.89 4.10 2.64
C THR B 44 21.57 5.25 1.90
N GLY B 45 21.00 5.64 0.75
CA GLY B 45 21.51 6.77 0.00
C GLY B 45 22.84 6.51 -0.69
N ASP B 46 23.04 5.27 -1.16
CA ASP B 46 24.24 4.95 -1.93
C ASP B 46 24.13 5.31 -3.41
N GLU B 47 25.19 5.89 -3.97
N GLU B 47 25.22 5.87 -3.94
CA GLU B 47 25.17 6.28 -5.39
CA GLU B 47 25.35 6.27 -5.34
C GLU B 47 25.03 5.09 -6.34
C GLU B 47 25.09 5.12 -6.32
N ARG B 48 25.40 3.90 -5.90
CA ARG B 48 25.25 2.73 -6.75
C ARG B 48 23.77 2.36 -6.97
N ARG B 49 22.86 3.09 -6.34
CA ARG B 49 21.44 2.84 -6.59
C ARG B 49 21.12 2.95 -8.09
N PHE B 50 21.74 3.91 -8.77
CA PHE B 50 21.45 4.09 -10.19
C PHE B 50 21.92 2.91 -11.03
N THR B 51 23.11 2.39 -10.74
CA THR B 51 23.64 1.24 -11.48
C THR B 51 22.75 0.03 -11.29
N LEU B 52 22.28 -0.15 -10.06
CA LEU B 52 21.42 -1.27 -9.76
C LEU B 52 20.09 -1.11 -10.52
N LEU B 53 19.52 0.09 -10.45
CA LEU B 53 18.25 0.34 -11.11
C LEU B 53 18.36 0.12 -12.61
N ASN B 54 19.50 0.49 -13.17
CA ASN B 54 19.70 0.36 -14.61
C ASN B 54 19.85 -1.08 -15.06
N GLN B 55 20.17 -1.96 -14.11
CA GLN B 55 20.17 -3.39 -14.38
C GLN B 55 18.78 -3.99 -14.20
N LEU B 56 17.94 -3.32 -13.44
CA LEU B 56 16.62 -3.84 -13.11
C LEU B 56 15.59 -3.47 -14.18
N LEU B 57 15.47 -2.17 -14.48
CA LEU B 57 14.53 -1.68 -15.49
C LEU B 57 14.93 -2.12 -16.90
N GLY B 58 13.94 -2.24 -17.77
CA GLY B 58 14.21 -2.54 -19.18
C GLY B 58 15.05 -1.43 -19.76
N SER B 59 14.66 -0.18 -19.51
CA SER B 59 15.43 0.96 -19.99
C SER B 59 14.92 2.25 -19.37
N SER B 60 15.81 3.23 -19.28
CA SER B 60 15.39 4.57 -18.97
C SER B 60 16.14 5.51 -19.91
N ALA B 61 15.52 6.62 -20.26
CA ALA B 61 16.10 7.49 -21.26
C ALA B 61 17.39 8.14 -20.77
N ASP B 62 17.50 8.41 -19.48
CA ASP B 62 18.66 9.13 -18.96
C ASP B 62 19.50 8.36 -17.93
N GLY B 63 19.07 7.15 -17.57
CA GLY B 63 19.80 6.35 -16.59
C GLY B 63 19.76 6.91 -15.17
N LYS B 64 18.88 7.87 -14.93
CA LYS B 64 18.80 8.56 -13.65
C LYS B 64 17.36 8.56 -13.09
N ALA B 65 16.60 7.52 -13.40
CA ALA B 65 15.27 7.38 -12.83
C ALA B 65 15.36 7.46 -11.30
N GLN B 66 14.48 8.24 -10.69
CA GLN B 66 14.49 8.44 -9.26
C GLN B 66 13.32 7.69 -8.61
N ILE B 67 13.62 6.52 -8.02
CA ILE B 67 12.58 5.65 -7.45
C ILE B 67 12.77 5.41 -5.95
N ASN B 68 11.81 5.86 -5.15
CA ASN B 68 11.84 5.69 -3.71
C ASN B 68 11.57 4.25 -3.26
N PRO B 69 11.96 3.89 -2.03
CA PRO B 69 11.72 2.53 -1.55
C PRO B 69 10.29 2.38 -1.02
N ASP B 70 9.79 1.16 -0.84
CA ASP B 70 10.33 -0.07 -1.41
C ASP B 70 9.64 -0.31 -2.73
N PHE B 71 10.40 -0.29 -3.82
CA PHE B 71 9.86 -0.53 -5.15
C PHE B 71 9.67 -2.02 -5.33
N ARG B 72 8.63 -2.44 -6.06
CA ARG B 72 8.44 -3.85 -6.39
C ARG B 72 8.03 -3.98 -7.84
N CYS B 73 8.55 -5.00 -8.51
CA CYS B 73 8.15 -5.28 -9.89
C CYS B 73 8.28 -6.78 -10.12
N ASP B 74 7.64 -7.26 -11.17
CA ASP B 74 7.66 -8.68 -11.50
C ASP B 74 8.95 -9.10 -12.19
N TYR B 75 9.29 -8.38 -13.25
CA TYR B 75 10.44 -8.75 -14.10
C TYR B 75 11.47 -7.66 -14.15
N GLY B 76 11.01 -6.42 -14.06
CA GLY B 76 11.90 -5.29 -14.21
C GLY B 76 12.11 -4.96 -15.68
N TYR B 77 12.49 -5.96 -16.47
CA TYR B 77 12.94 -5.68 -17.84
C TYR B 77 11.84 -5.27 -18.81
N ASN B 78 10.58 -5.39 -18.40
CA ASN B 78 9.48 -4.93 -19.25
C ASN B 78 9.11 -3.48 -18.97
N ILE B 79 9.86 -2.83 -18.10
CA ILE B 79 9.55 -1.44 -17.74
C ILE B 79 10.50 -0.50 -18.49
N HIS B 80 9.92 0.47 -19.20
CA HIS B 80 10.68 1.40 -20.01
C HIS B 80 10.23 2.82 -19.70
N VAL B 81 11.13 3.63 -19.15
CA VAL B 81 10.75 4.99 -18.76
C VAL B 81 11.54 6.05 -19.51
N GLY B 82 10.92 7.20 -19.71
CA GLY B 82 11.56 8.32 -20.38
C GLY B 82 12.49 9.08 -19.45
N LYS B 83 12.80 10.32 -19.80
CA LYS B 83 13.69 11.17 -19.02
C LYS B 83 13.03 11.57 -17.72
N SER B 84 13.86 11.76 -16.69
CA SER B 84 13.39 12.35 -15.45
C SER B 84 12.22 11.60 -14.83
N PHE B 85 12.24 10.28 -14.85
CA PHE B 85 11.18 9.53 -14.19
C PHE B 85 11.30 9.63 -12.68
N PHE B 86 10.17 9.90 -12.03
CA PHE B 86 10.11 9.95 -10.57
C PHE B 86 8.97 9.08 -10.04
N ALA B 87 9.28 8.17 -9.12
CA ALA B 87 8.26 7.45 -8.36
C ALA B 87 8.53 7.54 -6.85
N ASN B 88 7.51 7.97 -6.11
CA ASN B 88 7.60 8.10 -4.67
C ASN B 88 7.44 6.74 -3.95
N PHE B 89 7.25 6.75 -2.63
CA PHE B 89 7.36 5.52 -1.83
C PHE B 89 6.43 4.38 -2.28
N ASN B 90 6.93 3.16 -2.24
CA ASN B 90 6.07 1.97 -2.29
C ASN B 90 5.25 1.83 -3.57
N CYS B 91 5.87 2.06 -4.73
CA CYS B 91 5.18 1.82 -5.99
C CYS B 91 5.40 0.37 -6.45
N VAL B 92 4.39 -0.20 -7.09
CA VAL B 92 4.44 -1.59 -7.53
C VAL B 92 4.11 -1.60 -9.02
N ILE B 93 4.95 -2.24 -9.83
CA ILE B 93 4.68 -2.35 -11.26
C ILE B 93 4.75 -3.81 -11.65
N LEU B 94 3.60 -4.40 -11.99
CA LEU B 94 3.56 -5.79 -12.45
C LEU B 94 3.75 -5.75 -13.96
N ASP B 95 4.98 -5.96 -14.40
CA ASP B 95 5.30 -5.79 -15.81
C ASP B 95 5.43 -7.14 -16.51
N VAL B 96 4.36 -7.93 -16.50
CA VAL B 96 4.35 -9.17 -17.28
C VAL B 96 4.31 -8.80 -18.77
N CYS B 97 3.59 -7.73 -19.11
CA CYS B 97 3.66 -7.14 -20.45
C CYS B 97 4.38 -5.81 -20.36
N GLU B 98 4.69 -5.21 -21.50
N GLU B 98 4.67 -5.21 -21.51
CA GLU B 98 5.44 -3.96 -21.53
CA GLU B 98 5.37 -3.92 -21.58
C GLU B 98 4.72 -2.84 -20.80
C GLU B 98 4.68 -2.85 -20.74
N VAL B 99 5.48 -2.10 -19.99
CA VAL B 99 4.98 -0.91 -19.34
C VAL B 99 5.85 0.20 -19.91
N ARG B 100 5.24 1.02 -20.77
CA ARG B 100 5.97 2.10 -21.42
C ARG B 100 5.57 3.42 -20.79
N ILE B 101 6.54 4.16 -20.29
CA ILE B 101 6.26 5.43 -19.63
C ILE B 101 7.08 6.54 -20.28
N GLY B 102 6.43 7.68 -20.57
CA GLY B 102 7.08 8.76 -21.30
C GLY B 102 8.04 9.59 -20.46
N ASP B 103 8.30 10.83 -20.92
CA ASP B 103 9.23 11.73 -20.24
C ASP B 103 8.53 12.52 -19.17
N HIS B 104 9.27 12.89 -18.13
CA HIS B 104 8.77 13.76 -17.07
C HIS B 104 7.51 13.24 -16.39
N CYS B 105 7.43 11.92 -16.24
CA CYS B 105 6.34 11.33 -15.47
C CYS B 105 6.67 11.23 -13.98
N PHE B 107 5.10 9.62 -10.28
CA PHE B 107 4.19 8.80 -9.47
C PHE B 107 4.27 9.19 -7.99
N ALA B 108 3.13 9.49 -7.38
CA ALA B 108 3.07 9.72 -5.94
C ALA B 108 3.18 8.37 -5.20
N PRO B 109 3.12 8.38 -3.86
CA PRO B 109 3.31 7.10 -3.16
C PRO B 109 2.20 6.07 -3.41
N GLY B 110 2.58 4.80 -3.46
CA GLY B 110 1.61 3.72 -3.49
C GLY B 110 0.90 3.55 -4.83
N VAL B 111 1.44 4.15 -5.88
CA VAL B 111 0.87 3.94 -7.22
C VAL B 111 1.14 2.49 -7.64
N HIS B 112 0.11 1.82 -8.15
CA HIS B 112 0.25 0.47 -8.69
C HIS B 112 -0.09 0.46 -10.18
N ILE B 113 0.79 -0.11 -10.99
CA ILE B 113 0.50 -0.35 -12.40
C ILE B 113 0.41 -1.85 -12.60
N TYR B 114 -0.74 -2.35 -13.03
CA TYR B 114 -0.85 -3.79 -13.33
C TYR B 114 -0.94 -4.05 -14.83
N THR B 115 -0.11 -4.97 -15.34
CA THR B 115 -0.38 -5.52 -16.67
C THR B 115 -0.87 -6.96 -16.54
N ALA B 116 -0.65 -7.55 -15.38
CA ALA B 116 -1.02 -8.95 -15.16
C ALA B 116 -2.53 -9.07 -14.91
N THR B 117 -3.13 -10.11 -15.45
CA THR B 117 -4.54 -10.37 -15.16
C THR B 117 -4.82 -11.86 -15.25
N HIS B 118 -6.08 -12.25 -15.06
CA HIS B 118 -6.49 -13.65 -15.02
C HIS B 118 -7.86 -13.79 -15.65
N PRO B 119 -8.20 -14.99 -16.13
CA PRO B 119 -9.59 -15.32 -16.55
C PRO B 119 -10.58 -15.15 -15.38
N LEU B 120 -11.80 -14.73 -15.69
CA LEU B 120 -12.85 -14.59 -14.68
C LEU B 120 -13.42 -15.92 -14.24
N HIS B 121 -13.26 -16.95 -15.07
CA HIS B 121 -13.80 -18.28 -14.76
C HIS B 121 -12.78 -19.14 -14.03
N PRO B 122 -13.23 -19.85 -12.98
CA PRO B 122 -12.37 -20.55 -12.02
C PRO B 122 -11.45 -21.59 -12.64
N VAL B 123 -11.98 -22.45 -13.51
CA VAL B 123 -11.17 -23.52 -14.08
C VAL B 123 -10.00 -22.97 -14.88
N GLU B 124 -10.28 -22.00 -15.74
CA GLU B 124 -9.21 -21.36 -16.52
C GLU B 124 -8.25 -20.60 -15.59
N ARG B 125 -8.78 -19.87 -14.62
CA ARG B 125 -7.94 -19.10 -13.72
C ARG B 125 -7.02 -20.01 -12.92
N ASN B 126 -7.50 -21.20 -12.57
CA ASN B 126 -6.74 -22.15 -11.75
C ASN B 126 -5.85 -23.09 -12.53
N SER B 127 -5.72 -22.86 -13.83
CA SER B 127 -5.05 -23.80 -14.73
C SER B 127 -3.54 -23.65 -14.75
N GLY B 128 -2.99 -22.72 -13.98
CA GLY B 128 -1.57 -22.46 -14.00
C GLY B 128 -1.14 -21.55 -15.13
N LYS B 129 -2.12 -21.02 -15.88
CA LYS B 129 -1.84 -20.06 -16.93
C LYS B 129 -2.51 -18.74 -16.64
N GLU B 130 -1.90 -17.66 -17.08
CA GLU B 130 -2.51 -16.34 -16.93
C GLU B 130 -2.09 -15.51 -18.12
N TYR B 131 -2.41 -14.23 -18.12
CA TYR B 131 -1.99 -13.38 -19.23
C TYR B 131 -1.88 -11.93 -18.78
N GLY B 132 -1.46 -11.06 -19.69
CA GLY B 132 -1.40 -9.65 -19.40
C GLY B 132 -1.77 -8.79 -20.59
N LYS B 133 -1.91 -7.49 -20.34
CA LYS B 133 -2.11 -6.49 -21.38
C LYS B 133 -1.20 -5.31 -21.05
N PRO B 134 -0.45 -4.82 -22.05
CA PRO B 134 0.53 -3.74 -21.85
C PRO B 134 -0.13 -2.45 -21.40
N VAL B 135 0.67 -1.61 -20.74
CA VAL B 135 0.23 -0.31 -20.29
C VAL B 135 1.13 0.74 -20.91
N LYS B 136 0.53 1.84 -21.36
CA LYS B 136 1.30 2.90 -21.97
C LYS B 136 0.93 4.20 -21.31
N ILE B 137 1.94 4.97 -20.92
CA ILE B 137 1.72 6.24 -20.28
C ILE B 137 2.53 7.30 -21.04
N GLY B 138 1.89 8.42 -21.36
CA GLY B 138 2.50 9.42 -22.21
C GLY B 138 3.49 10.32 -21.50
N ASN B 139 3.71 11.52 -22.03
CA ASN B 139 4.63 12.46 -21.42
C ASN B 139 3.96 13.38 -20.41
N ASN B 140 4.73 13.84 -19.42
CA ASN B 140 4.23 14.79 -18.43
C ASN B 140 3.00 14.32 -17.65
N VAL B 141 2.89 13.01 -17.42
CA VAL B 141 1.81 12.45 -16.61
C VAL B 141 2.11 12.47 -15.11
N TRP B 142 1.16 12.99 -14.33
CA TRP B 142 1.28 12.99 -12.87
C TRP B 142 0.24 12.01 -12.30
N VAL B 143 0.71 10.88 -11.77
CA VAL B 143 -0.19 9.89 -11.18
C VAL B 143 -0.25 10.07 -9.65
N GLY B 144 -1.43 10.36 -9.13
CA GLY B 144 -1.58 10.72 -7.74
C GLY B 144 -1.51 9.53 -6.81
N GLY B 145 -1.40 9.81 -5.52
CA GLY B 145 -1.13 8.77 -4.53
C GLY B 145 -2.17 7.65 -4.46
N GLY B 146 -1.68 6.42 -4.40
CA GLY B 146 -2.58 5.28 -4.23
C GLY B 146 -3.38 4.93 -5.47
N ALA B 147 -3.15 5.62 -6.59
CA ALA B 147 -3.89 5.32 -7.82
C ALA B 147 -3.55 3.93 -8.37
N ILE B 148 -4.51 3.35 -9.08
CA ILE B 148 -4.35 2.05 -9.70
C ILE B 148 -4.54 2.19 -11.21
N ILE B 149 -3.53 1.76 -11.97
CA ILE B 149 -3.65 1.73 -13.42
C ILE B 149 -3.80 0.27 -13.84
N ASN B 150 -4.96 -0.07 -14.38
CA ASN B 150 -5.27 -1.46 -14.73
C ASN B 150 -4.70 -1.90 -16.08
N PRO B 151 -4.67 -3.21 -16.35
CA PRO B 151 -4.04 -3.71 -17.58
C PRO B 151 -4.70 -3.17 -18.85
N GLY B 152 -3.90 -2.90 -19.88
CA GLY B 152 -4.43 -2.49 -21.17
C GLY B 152 -4.69 -1.00 -21.27
N VAL B 153 -4.50 -0.27 -20.17
CA VAL B 153 -4.81 1.15 -20.15
C VAL B 153 -3.71 2.00 -20.80
N SER B 154 -4.12 3.01 -21.56
CA SER B 154 -3.21 4.03 -22.06
C SER B 154 -3.57 5.39 -21.47
N ILE B 155 -2.57 6.13 -21.05
CA ILE B 155 -2.80 7.46 -20.50
C ILE B 155 -2.11 8.48 -21.40
N GLY B 156 -2.86 9.47 -21.85
CA GLY B 156 -2.36 10.44 -22.81
C GLY B 156 -1.44 11.49 -22.19
N ASP B 157 -0.86 12.35 -23.02
CA ASP B 157 0.09 13.36 -22.56
C ASP B 157 -0.55 14.36 -21.61
N ASN B 158 0.21 14.80 -20.62
CA ASN B 158 -0.24 15.85 -19.71
C ASN B 158 -1.45 15.49 -18.87
N ALA B 159 -1.85 14.21 -18.86
CA ALA B 159 -2.96 13.81 -18.00
C ALA B 159 -2.55 13.79 -16.52
N VAL B 160 -3.51 14.08 -15.65
CA VAL B 160 -3.29 14.05 -14.22
C VAL B 160 -4.29 13.08 -13.57
N ILE B 161 -3.77 12.10 -12.84
CA ILE B 161 -4.62 11.10 -12.16
C ILE B 161 -4.73 11.48 -10.70
N ALA B 162 -5.96 11.75 -10.25
CA ALA B 162 -6.16 12.19 -8.87
C ALA B 162 -5.76 11.06 -7.93
N SER B 163 -5.37 11.40 -6.70
CA SER B 163 -5.04 10.38 -5.71
C SER B 163 -6.24 9.46 -5.52
N GLY B 164 -5.96 8.16 -5.38
CA GLY B 164 -7.01 7.18 -5.13
C GLY B 164 -7.81 6.77 -6.35
N ALA B 165 -7.49 7.33 -7.51
CA ALA B 165 -8.25 6.99 -8.71
C ALA B 165 -8.00 5.54 -9.10
N VAL B 166 -9.03 4.89 -9.61
CA VAL B 166 -8.89 3.54 -10.13
C VAL B 166 -9.15 3.57 -11.63
N VAL B 167 -8.08 3.47 -12.41
CA VAL B 167 -8.16 3.72 -13.84
C VAL B 167 -8.39 2.44 -14.62
N THR B 168 -9.57 2.33 -15.19
CA THR B 168 -10.00 1.10 -15.86
C THR B 168 -10.06 1.28 -17.38
N LYS B 169 -10.04 2.54 -17.85
CA LYS B 169 -10.15 2.85 -19.27
C LYS B 169 -9.11 3.87 -19.70
N ASP B 170 -8.89 3.99 -21.01
CA ASP B 170 -7.91 4.94 -21.52
C ASP B 170 -8.21 6.33 -21.01
N VAL B 171 -7.14 7.10 -20.79
CA VAL B 171 -7.27 8.48 -20.37
C VAL B 171 -6.73 9.36 -21.49
N PRO B 172 -7.57 10.31 -21.97
CA PRO B 172 -7.18 11.20 -23.07
C PRO B 172 -6.07 12.15 -22.65
N ASN B 173 -5.43 12.80 -23.60
CA ASN B 173 -4.53 13.92 -23.33
C ASN B 173 -5.21 15.00 -22.48
N ASN B 174 -4.42 15.69 -21.67
CA ASN B 174 -4.87 16.94 -21.04
C ASN B 174 -6.16 16.88 -20.22
N VAL B 175 -6.36 15.82 -19.47
CA VAL B 175 -7.48 15.79 -18.53
C VAL B 175 -7.01 15.41 -17.14
N VAL B 176 -7.84 15.73 -16.15
CA VAL B 176 -7.72 15.18 -14.82
C VAL B 176 -8.80 14.12 -14.70
N VAL B 177 -8.44 12.92 -14.26
CA VAL B 177 -9.45 11.90 -13.95
C VAL B 177 -9.40 11.56 -12.47
N GLY B 178 -10.56 11.21 -11.91
CA GLY B 178 -10.64 10.87 -10.50
C GLY B 178 -11.79 9.91 -10.26
N GLY B 179 -11.74 9.22 -9.13
CA GLY B 179 -12.81 8.35 -8.71
C GLY B 179 -12.58 6.88 -9.02
N ASN B 180 -13.51 6.04 -8.58
CA ASN B 180 -13.48 4.62 -8.87
C ASN B 180 -14.84 4.14 -9.41
N PRO B 181 -14.96 3.94 -10.73
CA PRO B 181 -13.90 4.00 -11.74
C PRO B 181 -13.59 5.44 -12.09
N ALA B 182 -12.38 5.69 -12.57
CA ALA B 182 -11.93 7.04 -12.82
C ALA B 182 -12.75 7.65 -13.96
N LYS B 183 -13.13 8.91 -13.79
CA LYS B 183 -13.82 9.66 -14.84
C LYS B 183 -13.20 11.03 -14.97
N VAL B 184 -13.30 11.62 -16.16
CA VAL B 184 -12.79 12.96 -16.37
C VAL B 184 -13.48 13.93 -15.42
N ILE B 185 -12.70 14.68 -14.65
CA ILE B 185 -13.28 15.66 -13.76
C ILE B 185 -12.84 17.06 -14.12
N LYS B 186 -12.06 17.17 -15.20
CA LYS B 186 -11.55 18.48 -15.61
C LYS B 186 -10.70 18.39 -16.85
N THR B 187 -10.80 19.42 -17.68
CA THR B 187 -9.93 19.54 -18.84
C THR B 187 -8.83 20.55 -18.54
N ILE B 188 -7.61 20.24 -18.99
CA ILE B 188 -6.48 21.11 -18.74
C ILE B 188 -6.16 21.89 -20.01
N GLU B 189 -6.31 23.21 -19.93
CA GLU B 189 -6.16 24.09 -21.08
C GLU B 189 -4.67 24.41 -21.29
N GLU B 190 -4.15 23.99 -22.44
CA GLU B 190 -2.74 24.14 -22.81
C GLU B 190 -1.85 23.00 -22.30
N LYS C 5 14.76 34.30 1.20
CA LYS C 5 14.22 33.03 1.70
C LYS C 5 14.94 31.82 1.14
N THR C 6 15.29 30.88 2.01
CA THR C 6 15.85 29.61 1.57
C THR C 6 14.74 28.78 0.89
N GLU C 7 15.13 27.81 0.07
CA GLU C 7 14.14 26.91 -0.53
C GLU C 7 13.35 26.20 0.58
N LYS C 8 14.02 25.82 1.66
CA LYS C 8 13.32 25.20 2.78
C LYS C 8 12.29 26.14 3.41
N ASP C 9 12.65 27.42 3.53
CA ASP C 9 11.74 28.44 4.03
C ASP C 9 10.47 28.50 3.17
N LYS C 10 10.67 28.50 1.86
CA LYS C 10 9.55 28.53 0.93
C LYS C 10 8.68 27.27 1.07
N LEU C 12 8.19 25.30 3.59
CA LEU C 12 7.39 25.26 4.80
C LEU C 12 6.24 26.26 4.75
N ALA C 13 6.39 27.30 3.94
CA ALA C 13 5.37 28.36 3.88
C ALA C 13 4.30 28.06 2.82
N GLY C 14 4.43 26.95 2.12
CA GLY C 14 3.44 26.56 1.13
C GLY C 14 3.70 27.17 -0.24
N GLU C 15 4.91 27.69 -0.44
CA GLU C 15 5.27 28.32 -1.71
C GLU C 15 6.04 27.35 -2.60
N TYR C 17 8.97 25.70 -4.24
CA TYR C 17 10.35 25.55 -3.79
C TYR C 17 11.06 24.57 -4.70
N ILE C 18 12.38 24.69 -4.78
CA ILE C 18 13.18 23.76 -5.58
C ILE C 18 13.45 22.49 -4.75
N ALA C 19 12.85 21.38 -5.18
CA ALA C 19 12.87 20.15 -4.37
C ALA C 19 14.29 19.62 -4.23
N ASP C 20 15.12 19.85 -5.24
CA ASP C 20 16.48 19.35 -5.20
C ASP C 20 17.48 20.35 -4.61
N ASP C 21 16.96 21.32 -3.86
CA ASP C 21 17.84 22.18 -3.09
C ASP C 21 18.75 21.33 -2.20
N GLU C 22 20.03 21.68 -2.13
N GLU C 22 20.03 21.71 -2.15
CA GLU C 22 21.01 20.86 -1.40
CA GLU C 22 21.05 20.98 -1.40
C GLU C 22 20.58 20.56 0.04
C GLU C 22 20.60 20.60 0.02
N GLU C 23 20.01 21.55 0.72
CA GLU C 23 19.57 21.32 2.10
C GLU C 23 18.41 20.31 2.19
N LEU C 24 17.43 20.45 1.30
CA LEU C 24 16.27 19.56 1.31
C LEU C 24 16.68 18.14 0.91
N VAL C 25 17.55 18.01 -0.10
CA VAL C 25 18.06 16.69 -0.50
C VAL C 25 18.75 15.99 0.68
N ALA C 26 19.59 16.72 1.40
CA ALA C 26 20.29 16.19 2.57
C ALA C 26 19.32 15.75 3.67
N ASP C 27 18.29 16.56 3.92
CA ASP C 27 17.28 16.20 4.90
C ASP C 27 16.55 14.89 4.52
N ARG C 28 16.21 14.74 3.24
CA ARG C 28 15.46 13.56 2.80
C ARG C 28 16.33 12.32 2.86
N VAL C 29 17.59 12.47 2.46
CA VAL C 29 18.56 11.39 2.57
C VAL C 29 18.70 10.97 4.03
N GLU C 30 18.78 11.95 4.94
CA GLU C 30 18.91 11.61 6.34
C GLU C 30 17.67 10.91 6.90
N ALA C 31 16.50 11.40 6.49
CA ALA C 31 15.25 10.83 6.98
C ALA C 31 15.13 9.37 6.53
N LYS C 32 15.50 9.08 5.28
CA LYS C 32 15.44 7.71 4.79
C LYS C 32 16.38 6.78 5.56
N ARG C 33 17.57 7.27 5.84
CA ARG C 33 18.57 6.46 6.53
C ARG C 33 18.10 6.14 7.95
N LEU C 34 17.56 7.14 8.63
CA LEU C 34 17.05 6.97 9.98
C LEU C 34 15.74 6.12 10.01
N THR C 35 14.88 6.32 9.02
CA THR C 35 13.65 5.55 8.91
C THR C 35 13.97 4.06 8.80
N ARG C 36 15.01 3.73 8.04
CA ARG C 36 15.40 2.35 7.86
C ARG C 36 15.81 1.69 9.20
N LEU C 37 16.60 2.41 10.00
CA LEU C 37 16.98 1.93 11.33
C LEU C 37 15.76 1.79 12.24
N TYR C 38 14.88 2.78 12.20
CA TYR C 38 13.66 2.72 12.99
C TYR C 38 12.82 1.49 12.64
N ASN C 39 12.54 1.30 11.35
CA ASN C 39 11.77 0.15 10.89
C ASN C 39 12.41 -1.16 11.34
N GLU C 40 13.72 -1.26 11.23
CA GLU C 40 14.46 -2.43 11.72
C GLU C 40 14.22 -2.62 13.22
N ALA C 41 14.30 -1.53 13.98
CA ALA C 41 14.10 -1.59 15.42
C ALA C 41 12.69 -2.07 15.76
N VAL C 42 11.67 -1.51 15.12
CA VAL C 42 10.32 -1.96 15.43
C VAL C 42 10.03 -3.38 14.94
N GLU C 43 10.55 -3.75 13.77
CA GLU C 43 10.38 -5.11 13.29
C GLU C 43 11.00 -6.15 14.23
N THR C 44 12.14 -5.83 14.81
CA THR C 44 12.83 -6.79 15.68
C THR C 44 12.41 -6.63 17.13
N GLY C 45 11.59 -5.63 17.41
CA GLY C 45 11.05 -5.42 18.75
C GLY C 45 12.07 -4.91 19.77
N ASP C 46 12.97 -4.03 19.34
CA ASP C 46 13.97 -3.47 20.24
C ASP C 46 13.46 -2.20 20.93
N GLU C 47 13.75 -2.09 22.23
N GLU C 47 13.73 -2.07 22.23
CA GLU C 47 13.30 -0.97 23.04
CA GLU C 47 13.24 -0.92 22.99
C GLU C 47 13.80 0.38 22.52
C GLU C 47 13.75 0.41 22.45
N ARG C 48 14.88 0.37 21.76
CA ARG C 48 15.46 1.59 21.19
C ARG C 48 14.63 2.15 20.03
N ARG C 49 13.58 1.45 19.63
CA ARG C 49 12.72 2.00 18.57
C ARG C 49 12.21 3.39 18.93
N PHE C 50 11.91 3.62 20.20
CA PHE C 50 11.35 4.91 20.63
C PHE C 50 12.38 5.99 20.53
N THR C 51 13.59 5.71 20.99
CA THR C 51 14.61 6.74 20.90
C THR C 51 14.93 7.07 19.44
N LEU C 52 14.92 6.07 18.55
CA LEU C 52 15.10 6.37 17.12
C LEU C 52 13.93 7.21 16.58
N LEU C 53 12.71 6.82 16.91
CA LEU C 53 11.53 7.52 16.42
C LEU C 53 11.54 8.96 16.89
N ASN C 54 11.94 9.19 18.14
CA ASN C 54 12.00 10.55 18.68
C ASN C 54 13.05 11.43 18.01
N GLN C 55 14.01 10.80 17.34
CA GLN C 55 14.97 11.55 16.53
C GLN C 55 14.41 11.81 15.13
N LEU C 56 13.39 11.05 14.74
CA LEU C 56 12.82 11.16 13.39
C LEU C 56 11.66 12.18 13.33
N LEU C 57 10.67 12.01 14.20
CA LEU C 57 9.50 12.86 14.19
C LEU C 57 9.85 14.29 14.67
N GLY C 58 9.02 15.26 14.33
CA GLY C 58 9.22 16.62 14.81
C GLY C 58 9.01 16.66 16.32
N SER C 59 7.93 16.04 16.78
CA SER C 59 7.64 15.98 18.19
C SER C 59 6.52 15.00 18.43
N SER C 60 6.49 14.46 19.64
CA SER C 60 5.35 13.70 20.11
C SER C 60 5.15 14.04 21.58
N ALA C 61 3.90 14.09 22.01
CA ALA C 61 3.58 14.60 23.33
C ALA C 61 4.13 13.73 24.45
N ASP C 62 4.33 12.44 24.19
CA ASP C 62 4.73 11.52 25.25
C ASP C 62 5.96 10.69 24.91
N GLY C 63 6.57 10.96 23.77
CA GLY C 63 7.76 10.24 23.35
C GLY C 63 7.57 8.74 23.20
N LYS C 64 6.31 8.32 23.09
CA LYS C 64 5.99 6.90 22.98
C LYS C 64 5.04 6.59 21.81
N ALA C 65 5.12 7.35 20.74
CA ALA C 65 4.32 7.04 19.55
C ALA C 65 4.54 5.58 19.15
N GLN C 66 3.45 4.89 18.79
N GLN C 66 3.46 4.87 18.84
CA GLN C 66 3.50 3.50 18.41
CA GLN C 66 3.58 3.47 18.43
C GLN C 66 3.28 3.38 16.90
C GLN C 66 3.30 3.35 16.94
N ILE C 67 4.36 3.18 16.16
CA ILE C 67 4.26 3.13 14.70
C ILE C 67 4.83 1.85 14.11
N ASN C 68 3.95 1.07 13.48
CA ASN C 68 4.35 -0.22 12.92
C ASN C 68 5.18 -0.07 11.64
N PRO C 69 5.92 -1.13 11.27
CA PRO C 69 6.73 -1.10 10.03
C PRO C 69 5.85 -1.29 8.79
N ASP C 70 6.33 -0.91 7.60
CA ASP C 70 7.48 -0.03 7.41
C ASP C 70 6.92 1.38 7.29
N PHE C 71 7.27 2.26 8.22
CA PHE C 71 6.83 3.64 8.17
C PHE C 71 7.67 4.39 7.13
N ARG C 72 7.09 5.37 6.45
CA ARG C 72 7.80 6.19 5.47
C ARG C 72 7.41 7.65 5.62
N CYS C 73 8.40 8.54 5.55
CA CYS C 73 8.13 9.98 5.55
C CYS C 73 9.19 10.69 4.74
N ASP C 74 8.90 11.95 4.38
CA ASP C 74 9.81 12.75 3.57
C ASP C 74 10.93 13.34 4.40
N TYR C 75 10.55 14.02 5.49
CA TYR C 75 11.49 14.79 6.31
C TYR C 75 11.49 14.30 7.74
N GLY C 76 10.33 13.87 8.21
CA GLY C 76 10.17 13.49 9.60
C GLY C 76 9.88 14.67 10.51
N TYR C 77 10.71 15.71 10.41
CA TYR C 77 10.65 16.81 11.37
C TYR C 77 9.38 17.67 11.27
N ASN C 78 8.63 17.51 10.19
CA ASN C 78 7.37 18.25 10.05
C ASN C 78 6.16 17.52 10.63
N ILE C 79 6.40 16.34 11.18
CA ILE C 79 5.34 15.54 11.78
C ILE C 79 5.31 15.76 13.29
N HIS C 80 4.14 16.14 13.80
CA HIS C 80 3.95 16.40 15.23
C HIS C 80 2.71 15.67 15.73
N VAL C 81 2.87 14.81 16.74
CA VAL C 81 1.74 14.02 17.20
C VAL C 81 1.47 14.21 18.69
N GLY C 82 0.20 14.09 19.07
CA GLY C 82 -0.18 14.19 20.46
C GLY C 82 0.15 12.93 21.21
N LYS C 83 -0.53 12.70 22.32
CA LYS C 83 -0.23 11.53 23.12
C LYS C 83 -0.91 10.30 22.58
N SER C 84 -0.33 9.14 22.89
CA SER C 84 -0.91 7.86 22.54
C SER C 84 -1.14 7.74 21.04
N PHE C 85 -0.21 8.23 20.24
CA PHE C 85 -0.37 8.09 18.80
C PHE C 85 -0.15 6.65 18.37
N PHE C 86 -1.01 6.15 17.50
CA PHE C 86 -0.86 4.80 16.95
C PHE C 86 -1.01 4.80 15.43
N ALA C 87 -0.07 4.17 14.73
CA ALA C 87 -0.21 3.89 13.31
C ALA C 87 0.16 2.43 13.01
N ASN C 88 -0.72 1.74 12.31
CA ASN C 88 -0.50 0.33 11.98
C ASN C 88 0.42 0.23 10.76
N PHE C 89 0.56 -0.98 10.21
CA PHE C 89 1.53 -1.25 9.15
C PHE C 89 1.50 -0.28 7.96
N ASN C 90 2.69 0.03 7.44
CA ASN C 90 2.86 0.67 6.14
C ASN C 90 2.22 2.04 5.99
N CYS C 91 2.33 2.87 6.99
CA CYS C 91 1.82 4.23 6.84
C CYS C 91 2.85 5.16 6.18
N VAL C 92 2.35 6.07 5.37
CA VAL C 92 3.23 6.98 4.64
C VAL C 92 2.76 8.39 4.95
N ILE C 93 3.67 9.26 5.36
CA ILE C 93 3.34 10.67 5.57
C ILE C 93 4.32 11.54 4.78
N LEU C 94 3.82 12.20 3.74
CA LEU C 94 4.65 13.14 3.01
C LEU C 94 4.54 14.49 3.71
N ASP C 95 5.54 14.79 4.53
CA ASP C 95 5.49 15.96 5.39
C ASP C 95 6.37 17.12 4.87
N VAL C 96 6.16 17.54 3.62
CA VAL C 96 6.85 18.72 3.11
C VAL C 96 6.34 19.95 3.87
N CYS C 97 5.06 19.97 4.22
CA CYS C 97 4.54 20.98 5.14
C CYS C 97 4.17 20.32 6.45
N GLU C 98 3.81 21.14 7.42
CA GLU C 98 3.44 20.64 8.73
C GLU C 98 2.33 19.60 8.66
N VAL C 99 2.50 18.52 9.41
CA VAL C 99 1.43 17.58 9.67
C VAL C 99 1.21 17.53 11.18
N ARG C 100 0.10 18.13 11.63
N ARG C 100 0.11 18.12 11.64
CA ARG C 100 -0.26 18.19 13.04
CA ARG C 100 -0.16 18.17 13.07
C ARG C 100 -1.30 17.15 13.36
C ARG C 100 -1.29 17.24 13.44
N ILE C 101 -1.01 16.29 14.34
CA ILE C 101 -1.96 15.26 14.73
C ILE C 101 -2.20 15.36 16.24
N GLY C 102 -3.46 15.34 16.66
CA GLY C 102 -3.80 15.52 18.07
C GLY C 102 -3.57 14.28 18.93
N ASP C 103 -4.25 14.23 20.07
CA ASP C 103 -4.12 13.13 21.03
C ASP C 103 -5.03 11.97 20.69
N HIS C 104 -4.58 10.77 21.03
CA HIS C 104 -5.38 9.57 20.84
C HIS C 104 -5.84 9.33 19.40
N CYS C 105 -4.97 9.61 18.45
CA CYS C 105 -5.31 9.32 17.07
C CYS C 105 -4.76 7.95 16.73
N PHE C 107 -4.19 5.34 13.27
CA PHE C 107 -4.25 5.04 11.84
C PHE C 107 -4.23 3.53 11.65
N ALA C 108 -5.15 3.00 10.85
CA ALA C 108 -5.11 1.61 10.42
C ALA C 108 -4.01 1.41 9.37
N PRO C 109 -3.81 0.18 8.89
CA PRO C 109 -2.71 -0.05 7.92
C PRO C 109 -2.88 0.73 6.61
N GLY C 110 -1.76 1.16 6.04
CA GLY C 110 -1.76 1.74 4.70
C GLY C 110 -2.34 3.14 4.61
N VAL C 111 -2.50 3.81 5.75
CA VAL C 111 -2.97 5.20 5.70
C VAL C 111 -1.91 6.12 5.10
N HIS C 112 -2.31 6.93 4.13
CA HIS C 112 -1.38 7.89 3.52
C HIS C 112 -1.82 9.30 3.83
N ILE C 113 -0.89 10.12 4.31
CA ILE C 113 -1.12 11.55 4.47
C ILE C 113 -0.21 12.33 3.56
N TYR C 114 -0.78 13.15 2.68
CA TYR C 114 0.02 13.93 1.73
C TYR C 114 -0.10 15.42 2.01
N THR C 115 1.03 16.11 2.10
CA THR C 115 1.02 17.58 2.06
C THR C 115 1.63 18.05 0.75
N ALA C 116 2.36 17.16 0.09
CA ALA C 116 3.09 17.51 -1.12
C ALA C 116 2.14 17.54 -2.30
N THR C 117 2.28 18.52 -3.19
CA THR C 117 1.44 18.58 -4.37
C THR C 117 2.19 19.27 -5.51
N HIS C 118 1.53 19.44 -6.65
CA HIS C 118 2.19 19.93 -7.85
C HIS C 118 1.24 20.80 -8.66
N PRO C 119 1.80 21.71 -9.49
CA PRO C 119 0.97 22.51 -10.41
C PRO C 119 0.23 21.58 -11.37
N LEU C 120 -0.94 22.01 -11.82
CA LEU C 120 -1.75 21.22 -12.74
C LEU C 120 -1.22 21.22 -14.19
N HIS C 121 -0.51 22.28 -14.57
CA HIS C 121 0.01 22.41 -15.93
C HIS C 121 1.44 21.91 -16.02
N PRO C 122 1.79 21.29 -17.16
CA PRO C 122 3.04 20.53 -17.32
C PRO C 122 4.33 21.35 -17.21
N VAL C 123 4.39 22.53 -17.82
CA VAL C 123 5.63 23.29 -17.81
C VAL C 123 6.03 23.62 -16.38
N GLU C 124 5.07 24.15 -15.63
CA GLU C 124 5.30 24.50 -14.25
C GLU C 124 5.58 23.25 -13.39
N ARG C 125 4.82 22.18 -13.60
CA ARG C 125 5.03 20.95 -12.84
C ARG C 125 6.43 20.38 -13.09
N ASN C 126 6.91 20.49 -14.33
CA ASN C 126 8.22 19.97 -14.71
C ASN C 126 9.40 20.89 -14.46
N SER C 127 9.16 21.99 -13.74
CA SER C 127 10.16 23.05 -13.61
C SER C 127 11.17 22.85 -12.49
N GLY C 128 11.01 21.79 -11.71
CA GLY C 128 11.92 21.53 -10.61
C GLY C 128 11.40 22.13 -9.33
N LYS C 129 10.25 22.79 -9.42
CA LYS C 129 9.62 23.36 -8.23
C LYS C 129 8.28 22.70 -7.95
N GLU C 130 7.92 22.62 -6.67
CA GLU C 130 6.63 22.07 -6.28
C GLU C 130 6.25 22.75 -4.99
N TYR C 131 5.14 22.36 -4.38
CA TYR C 131 4.75 23.00 -3.12
C TYR C 131 3.92 22.07 -2.26
N GLY C 132 3.46 22.57 -1.13
CA GLY C 132 2.64 21.77 -0.25
C GLY C 132 1.59 22.58 0.47
N LYS C 133 0.70 21.88 1.15
CA LYS C 133 -0.28 22.48 2.04
C LYS C 133 -0.37 21.60 3.27
N PRO C 134 -0.30 22.21 4.46
CA PRO C 134 -0.31 21.48 5.72
C PRO C 134 -1.58 20.68 5.96
N VAL C 135 -1.46 19.67 6.80
CA VAL C 135 -2.59 18.83 7.15
C VAL C 135 -2.73 18.90 8.66
N LYS C 136 -3.96 18.98 9.13
CA LYS C 136 -4.23 19.06 10.55
C LYS C 136 -5.29 18.06 10.94
N ILE C 137 -4.97 17.27 11.96
CA ILE C 137 -5.88 16.23 12.42
C ILE C 137 -6.12 16.46 13.91
N GLY C 138 -7.38 16.44 14.33
CA GLY C 138 -7.73 16.79 15.70
C GLY C 138 -7.50 15.63 16.67
N ASN C 139 -8.19 15.66 17.80
CA ASN C 139 -8.08 14.62 18.81
C ASN C 139 -9.05 13.48 18.57
N ASN C 140 -8.67 12.29 19.01
CA ASN C 140 -9.56 11.12 18.98
C ASN C 140 -10.00 10.72 17.57
N VAL C 141 -9.13 10.92 16.60
CA VAL C 141 -9.48 10.59 15.22
C VAL C 141 -9.06 9.17 14.88
N TRP C 142 -9.96 8.41 14.29
CA TRP C 142 -9.66 7.07 13.82
C TRP C 142 -9.65 7.09 12.30
N VAL C 143 -8.49 6.89 11.70
CA VAL C 143 -8.37 6.83 10.24
C VAL C 143 -8.29 5.37 9.78
N GLY C 144 -9.30 4.94 9.02
CA GLY C 144 -9.43 3.55 8.60
C GLY C 144 -8.42 3.14 7.53
N GLY C 145 -8.31 1.82 7.33
CA GLY C 145 -7.28 1.27 6.46
C GLY C 145 -7.29 1.81 5.05
N GLY C 146 -6.10 2.09 4.52
CA GLY C 146 -5.95 2.50 3.15
C GLY C 146 -6.52 3.87 2.82
N ALA C 147 -6.97 4.62 3.83
CA ALA C 147 -7.50 5.96 3.59
C ALA C 147 -6.41 6.91 3.13
N ILE C 148 -6.81 7.89 2.33
CA ILE C 148 -5.89 8.91 1.85
C ILE C 148 -6.32 10.29 2.35
N ILE C 149 -5.41 11.02 2.99
CA ILE C 149 -5.69 12.39 3.41
C ILE C 149 -4.88 13.33 2.52
N ASN C 150 -5.57 14.10 1.71
CA ASN C 150 -4.93 14.98 0.73
C ASN C 150 -4.40 16.30 1.32
N PRO C 151 -3.56 17.02 0.57
CA PRO C 151 -2.92 18.24 1.09
C PRO C 151 -3.95 19.29 1.51
N GLY C 152 -3.68 20.02 2.59
CA GLY C 152 -4.50 21.15 3.00
C GLY C 152 -5.75 20.77 3.77
N VAL C 153 -5.97 19.48 3.97
CA VAL C 153 -7.16 19.00 4.67
C VAL C 153 -7.04 19.15 6.18
N SER C 154 -8.15 19.47 6.83
CA SER C 154 -8.21 19.46 8.28
C SER C 154 -9.32 18.52 8.71
N ILE C 155 -9.06 17.74 9.75
CA ILE C 155 -10.03 16.76 10.23
C ILE C 155 -10.35 17.06 11.68
N GLY C 156 -11.63 17.22 11.98
CA GLY C 156 -12.05 17.65 13.31
C GLY C 156 -11.97 16.57 14.37
N ASP C 157 -12.24 16.94 15.62
CA ASP C 157 -12.17 16.02 16.74
C ASP C 157 -13.17 14.89 16.62
N ASN C 158 -12.77 13.69 17.06
CA ASN C 158 -13.67 12.54 17.10
C ASN C 158 -14.20 12.07 15.74
N ALA C 159 -13.62 12.59 14.66
CA ALA C 159 -14.01 12.13 13.32
C ALA C 159 -13.52 10.70 13.09
N VAL C 160 -14.28 9.95 12.30
CA VAL C 160 -13.90 8.59 11.91
C VAL C 160 -13.86 8.52 10.38
N ILE C 161 -12.73 8.08 9.84
CA ILE C 161 -12.56 7.96 8.38
C ILE C 161 -12.68 6.48 8.03
N ALA C 162 -13.65 6.13 7.18
CA ALA C 162 -13.87 4.73 6.86
C ALA C 162 -12.72 4.24 6.00
N SER C 163 -12.46 2.94 6.04
CA SER C 163 -11.39 2.38 5.23
C SER C 163 -11.66 2.68 3.76
N GLY C 164 -10.59 2.94 3.00
CA GLY C 164 -10.71 3.24 1.59
C GLY C 164 -11.13 4.66 1.30
N ALA C 165 -11.46 5.45 2.33
CA ALA C 165 -11.89 6.81 2.09
C ALA C 165 -10.81 7.63 1.41
N VAL C 166 -11.21 8.50 0.49
CA VAL C 166 -10.27 9.44 -0.11
C VAL C 166 -10.70 10.86 0.28
N VAL C 167 -9.99 11.43 1.25
CA VAL C 167 -10.43 12.68 1.90
C VAL C 167 -9.86 13.88 1.16
N THR C 168 -10.74 14.60 0.47
CA THR C 168 -10.33 15.68 -0.42
C THR C 168 -10.70 17.06 0.13
N LYS C 169 -11.49 17.10 1.20
CA LYS C 169 -11.81 18.36 1.84
C LYS C 169 -12.00 18.22 3.34
N ASP C 170 -12.12 19.34 4.04
CA ASP C 170 -12.19 19.32 5.49
C ASP C 170 -13.28 18.39 6.00
N VAL C 171 -13.00 17.78 7.14
CA VAL C 171 -13.96 16.90 7.79
C VAL C 171 -14.27 17.51 9.15
N PRO C 172 -15.55 17.76 9.42
CA PRO C 172 -16.02 18.36 10.69
C PRO C 172 -15.86 17.41 11.87
N ASN C 173 -15.97 17.94 13.09
CA ASN C 173 -16.00 17.13 14.31
C ASN C 173 -17.12 16.10 14.22
N ASN C 174 -16.94 15.00 14.93
CA ASN C 174 -18.04 14.08 15.22
C ASN C 174 -18.80 13.55 14.02
N VAL C 175 -18.11 13.31 12.92
CA VAL C 175 -18.72 12.60 11.81
C VAL C 175 -17.91 11.39 11.37
N VAL C 176 -18.60 10.49 10.68
CA VAL C 176 -17.96 9.43 9.92
C VAL C 176 -18.03 9.83 8.45
N VAL C 177 -16.90 9.81 7.76
CA VAL C 177 -16.91 10.00 6.31
C VAL C 177 -16.37 8.76 5.60
N GLY C 178 -16.81 8.55 4.36
CA GLY C 178 -16.40 7.39 3.59
C GLY C 178 -16.58 7.67 2.12
N GLY C 179 -15.98 6.84 1.28
CA GLY C 179 -16.12 6.97 -0.16
C GLY C 179 -15.02 7.77 -0.83
N ASN C 180 -15.13 7.91 -2.14
CA ASN C 180 -14.15 8.63 -2.95
C ASN C 180 -14.85 9.48 -4.00
N PRO C 181 -14.92 10.80 -3.78
CA PRO C 181 -14.39 11.53 -2.62
C PRO C 181 -15.21 11.27 -1.36
N ALA C 182 -14.57 11.37 -0.20
CA ALA C 182 -15.24 11.11 1.06
C ALA C 182 -16.41 12.06 1.28
N LYS C 183 -17.48 11.53 1.87
CA LYS C 183 -18.66 12.31 2.22
C LYS C 183 -19.10 11.87 3.60
N VAL C 184 -19.73 12.77 4.34
CA VAL C 184 -20.30 12.41 5.64
C VAL C 184 -21.31 11.30 5.42
N ILE C 185 -21.22 10.23 6.21
CA ILE C 185 -22.18 9.15 6.10
C ILE C 185 -22.90 8.90 7.41
N LYS C 186 -22.47 9.60 8.46
CA LYS C 186 -23.06 9.41 9.78
C LYS C 186 -22.58 10.50 10.73
N THR C 187 -23.47 10.93 11.62
CA THR C 187 -23.08 11.84 12.68
C THR C 187 -22.91 11.02 13.95
N ILE C 188 -21.85 11.31 14.70
CA ILE C 188 -21.56 10.61 15.93
C ILE C 188 -22.07 11.45 17.10
N GLU C 189 -22.83 10.84 18.00
CA GLU C 189 -23.51 11.58 19.07
C GLU C 189 -22.84 11.33 20.42
#